data_8RYU
#
_entry.id   8RYU
#
_cell.length_a   104.3
_cell.length_b   104.3
_cell.length_c   64.47
_cell.angle_alpha   90
_cell.angle_beta   90
_cell.angle_gamma   120
#
_symmetry.space_group_name_H-M   'P 63'
#
loop_
_entity.id
_entity.type
_entity.pdbx_description
1 polymer 'Copper-containing nitrite reductase'
2 branched beta-D-fructofuranose-(2-1)-alpha-D-glucopyranose
3 non-polymer 'COPPER (II) ION'
4 non-polymer 'NITRIC OXIDE'
5 non-polymer 'NITRITE ION'
6 non-polymer 'SULFATE ION'
7 water water
#
_entity_poly.entity_id   1
_entity_poly.type   'polypeptide(L)'
_entity_poly.pdbx_seq_one_letter_code
;MLPMFTRRAALISAAATALMLATPALAADDLKLPRQKVELVAPPFVHAHEQATKQGPKIVEFKLTIEEKKVVIDEKGTTF
QAMTFNGSMPGPLMVVHEGDYVETTLVNPATNTMPHNIDFHSATGALGGGALTLINPGEQVVLRWKATKTGVFVYHCAPG
GPMIPWHVVSGMNGAVMVLPRDGLNDGKGHALKYDKVYYVGEQDMYVPRDEKGNFKSYDSPGEAFTDTEEMMKKLIPSHV
VFNGKVGALTGKNALTANVGENVLIVHSQANRDSRPHLIGGHGDYVWETGKFGNAPEVGLETWFIRGGSAGAAMYKFMQP
GIYAYVTHNLIEAADLGATAHFKVEGKWNDDLMTQVKAPAEIPANTN
;
_entity_poly.pdbx_strand_id   A
#
loop_
_chem_comp.id
_chem_comp.type
_chem_comp.name
_chem_comp.formula
CU non-polymer 'COPPER (II) ION' 'Cu 2'
FRU D-saccharide, beta linking beta-D-fructofuranose 'C6 H12 O6'
GLC D-saccharide, alpha linking alpha-D-glucopyranose 'C6 H12 O6'
NO non-polymer 'NITRIC OXIDE' 'N O'
NO2 non-polymer 'NITRITE ION' 'N O2 -1'
SO4 non-polymer 'SULFATE ION' 'O4 S -2'
#
# COMPACT_ATOMS: atom_id res chain seq x y z
N ASP A 30 17.02 29.20 -2.29
CA ASP A 30 17.99 28.81 -1.22
C ASP A 30 18.59 27.45 -1.54
N LEU A 31 17.71 26.46 -1.68
CA LEU A 31 18.14 25.09 -1.94
C LEU A 31 18.37 24.92 -3.44
N LYS A 32 19.65 24.83 -3.82
CA LYS A 32 20.09 24.75 -5.21
C LYS A 32 20.57 23.33 -5.50
N LEU A 33 19.61 22.47 -5.81
CA LEU A 33 19.87 21.10 -6.25
C LEU A 33 19.12 20.89 -7.58
N PRO A 34 19.51 19.87 -8.35
CA PRO A 34 18.77 19.47 -9.55
C PRO A 34 17.37 19.02 -9.17
N ARG A 35 16.42 19.27 -10.07
CA ARG A 35 15.01 18.92 -9.91
C ARG A 35 14.70 17.76 -10.85
N GLN A 36 13.94 16.77 -10.35
CA GLN A 36 13.51 15.65 -11.17
C GLN A 36 12.02 15.44 -10.96
N LYS A 37 11.24 15.42 -12.01
CA LYS A 37 9.82 15.13 -11.96
C LYS A 37 9.60 13.62 -12.04
N VAL A 38 8.62 13.14 -11.26
CA VAL A 38 8.15 11.75 -11.30
C VAL A 38 6.71 11.69 -11.80
N GLU A 39 6.43 10.80 -12.77
CA GLU A 39 5.08 10.46 -13.19
C GLU A 39 4.59 9.27 -12.34
N LEU A 40 3.69 9.59 -11.41
CA LEU A 40 3.18 8.54 -10.52
C LEU A 40 2.31 7.60 -11.33
N VAL A 41 2.27 6.33 -10.90
CA VAL A 41 1.43 5.34 -11.53
C VAL A 41 0.52 4.71 -10.45
N ALA A 42 -0.65 4.22 -10.91
CA ALA A 42 -1.61 3.65 -9.99
C ALA A 42 -1.11 2.33 -9.40
N PRO A 43 -1.37 2.10 -8.10
CA PRO A 43 -1.06 0.81 -7.49
CA PRO A 43 -1.04 0.81 -7.48
C PRO A 43 -1.79 -0.32 -8.18
N PRO A 44 -1.29 -1.58 -8.16
CA PRO A 44 -0.14 -2.01 -7.37
CA PRO A 44 -0.13 -1.96 -7.35
C PRO A 44 1.22 -1.77 -8.00
N PHE A 45 1.22 -1.15 -9.18
CA PHE A 45 2.47 -0.86 -9.85
C PHE A 45 3.16 0.31 -9.17
N VAL A 46 4.45 0.48 -9.48
CA VAL A 46 5.29 1.47 -8.87
C VAL A 46 6.07 2.20 -9.99
N HIS A 47 6.16 3.52 -9.89
CA HIS A 47 6.89 4.29 -10.90
C HIS A 47 8.34 3.83 -10.98
N ALA A 48 8.90 3.95 -12.20
CA ALA A 48 10.25 3.50 -12.44
C ALA A 48 11.23 4.27 -11.59
N HIS A 49 12.24 3.56 -11.07
CA HIS A 49 13.22 4.10 -10.13
C HIS A 49 14.49 3.23 -10.20
N GLU A 50 15.59 3.80 -9.72
CA GLU A 50 16.80 3.06 -9.47
C GLU A 50 16.80 2.51 -8.04
N GLN A 51 17.43 1.36 -7.83
CA GLN A 51 17.73 0.88 -6.51
C GLN A 51 19.02 1.54 -6.01
N ALA A 52 20.16 0.94 -6.26
CA ALA A 52 21.43 1.61 -6.02
C ALA A 52 21.60 2.67 -7.09
N THR A 53 22.13 3.83 -6.69
CA THR A 53 22.22 4.98 -7.59
C THR A 53 23.56 5.68 -7.35
N LYS A 54 24.08 6.27 -8.45
CA LYS A 54 25.25 7.15 -8.38
C LYS A 54 24.82 8.60 -8.34
N GLN A 55 23.51 8.87 -8.41
CA GLN A 55 23.03 10.20 -8.25
C GLN A 55 23.26 10.67 -6.82
N GLY A 56 23.45 11.98 -6.72
CA GLY A 56 23.42 12.63 -5.44
C GLY A 56 22.01 13.13 -5.14
N PRO A 57 21.83 13.80 -3.98
CA PRO A 57 20.54 14.40 -3.67
C PRO A 57 19.96 15.29 -4.74
N LYS A 58 18.66 15.15 -4.91
CA LYS A 58 17.86 15.91 -5.84
CA LYS A 58 17.91 16.01 -5.80
C LYS A 58 16.60 16.38 -5.11
N ILE A 59 15.94 17.38 -5.69
CA ILE A 59 14.57 17.69 -5.35
C ILE A 59 13.68 16.89 -6.28
N VAL A 60 12.93 15.93 -5.72
CA VAL A 60 12.07 15.09 -6.51
C VAL A 60 10.65 15.60 -6.37
N GLU A 61 10.00 15.87 -7.52
CA GLU A 61 8.74 16.58 -7.58
CA GLU A 61 8.75 16.60 -7.60
C GLU A 61 7.61 15.61 -7.85
N PHE A 62 6.58 15.67 -7.03
CA PHE A 62 5.41 14.84 -7.16
C PHE A 62 4.16 15.70 -7.07
N LYS A 63 3.08 15.30 -7.73
CA LYS A 63 1.80 15.96 -7.64
CA LYS A 63 1.80 15.95 -7.66
C LYS A 63 0.74 14.93 -7.24
N LEU A 64 -0.05 15.29 -6.23
CA LEU A 64 -1.23 14.53 -5.85
C LEU A 64 -2.47 15.37 -5.92
N THR A 65 -3.50 14.84 -6.56
CA THR A 65 -4.75 15.54 -6.75
C THR A 65 -5.81 14.71 -6.03
N ILE A 66 -6.44 15.33 -5.05
CA ILE A 66 -7.47 14.68 -4.24
C ILE A 66 -8.73 14.48 -5.05
N GLU A 67 -9.34 13.29 -4.92
CA GLU A 67 -10.62 13.03 -5.54
C GLU A 67 -11.53 12.33 -4.55
N GLU A 68 -12.68 12.93 -4.26
CA GLU A 68 -13.76 12.35 -3.51
C GLU A 68 -14.71 11.72 -4.51
N LYS A 69 -15.13 10.46 -4.29
CA LYS A 69 -15.93 9.77 -5.29
C LYS A 69 -16.61 8.54 -4.70
N LYS A 70 -17.82 8.27 -5.16
CA LYS A 70 -18.55 7.07 -4.81
C LYS A 70 -18.05 5.93 -5.67
N VAL A 71 -17.64 4.82 -5.01
CA VAL A 71 -17.08 3.71 -5.71
C VAL A 71 -17.76 2.41 -5.30
N VAL A 72 -17.56 1.35 -6.09
CA VAL A 72 -18.05 0.01 -5.77
C VAL A 72 -16.91 -0.81 -5.17
N ILE A 73 -17.17 -1.45 -4.02
CA ILE A 73 -16.08 -2.10 -3.29
C ILE A 73 -16.21 -3.61 -3.24
N ASP A 74 -17.31 -4.20 -3.73
CA ASP A 74 -17.46 -5.64 -3.69
C ASP A 74 -18.20 -6.17 -4.91
N GLU A 75 -18.18 -7.49 -5.09
CA GLU A 75 -18.79 -8.09 -6.27
C GLU A 75 -20.31 -8.09 -6.19
N LYS A 76 -20.90 -7.74 -5.05
CA LYS A 76 -22.35 -7.64 -4.91
C LYS A 76 -22.83 -6.24 -5.28
N GLY A 77 -21.91 -5.31 -5.51
CA GLY A 77 -22.30 -3.96 -5.89
C GLY A 77 -22.43 -2.97 -4.75
N THR A 78 -21.92 -3.30 -3.54
CA THR A 78 -21.95 -2.35 -2.44
C THR A 78 -21.17 -1.10 -2.83
N THR A 79 -21.68 0.07 -2.50
CA THR A 79 -21.00 1.33 -2.78
C THR A 79 -20.41 1.93 -1.50
N PHE A 80 -19.48 2.86 -1.72
CA PHE A 80 -18.71 3.45 -0.65
C PHE A 80 -18.33 4.86 -1.04
N GLN A 81 -18.40 5.77 -0.08
CA GLN A 81 -17.99 7.15 -0.28
C GLN A 81 -16.50 7.23 0.00
N ALA A 82 -15.71 7.16 -1.06
CA ALA A 82 -14.27 7.16 -0.98
C ALA A 82 -13.71 8.58 -1.07
N MET A 83 -12.56 8.75 -0.46
CA MET A 83 -11.77 9.96 -0.53
CA MET A 83 -11.78 9.96 -0.61
C MET A 83 -10.34 9.49 -0.81
N THR A 84 -9.71 10.01 -1.88
CA THR A 84 -8.49 9.42 -2.41
C THR A 84 -7.47 10.48 -2.80
N PHE A 85 -6.20 10.08 -2.76
CA PHE A 85 -5.11 10.75 -3.43
C PHE A 85 -4.97 10.12 -4.82
N ASN A 86 -5.08 10.97 -5.87
CA ASN A 86 -4.89 10.55 -7.26
C ASN A 86 -5.93 9.56 -7.73
N GLY A 87 -7.06 9.41 -7.05
CA GLY A 87 -8.17 8.63 -7.59
C GLY A 87 -8.10 7.16 -7.23
N SER A 88 -7.09 6.76 -6.44
CA SER A 88 -6.86 5.34 -6.16
C SER A 88 -6.86 5.11 -4.64
N MET A 89 -7.23 3.89 -4.25
CA MET A 89 -6.98 3.37 -2.91
C MET A 89 -6.09 2.14 -3.06
N PRO A 90 -4.85 2.11 -2.51
CA PRO A 90 -4.23 3.24 -1.83
C PRO A 90 -3.82 4.33 -2.81
N GLY A 91 -3.39 5.44 -2.27
CA GLY A 91 -2.66 6.39 -3.07
C GLY A 91 -1.39 5.78 -3.62
N PRO A 92 -0.82 6.40 -4.66
CA PRO A 92 0.36 5.83 -5.29
C PRO A 92 1.58 5.79 -4.39
N LEU A 93 2.47 4.81 -4.66
CA LEU A 93 3.77 4.74 -3.99
C LEU A 93 4.72 5.77 -4.57
N MET A 94 5.33 6.56 -3.69
CA MET A 94 6.33 7.53 -4.08
CA MET A 94 6.35 7.52 -4.08
C MET A 94 7.69 6.92 -3.71
N VAL A 95 8.67 6.91 -4.65
CA VAL A 95 9.97 6.33 -4.36
C VAL A 95 11.09 7.36 -4.53
N VAL A 96 11.90 7.52 -3.49
CA VAL A 96 13.05 8.41 -3.47
C VAL A 96 14.20 7.74 -2.77
N HIS A 97 15.36 8.41 -2.71
CA HIS A 97 16.52 7.91 -2.01
C HIS A 97 16.87 8.81 -0.82
N GLU A 98 17.55 8.20 0.14
CA GLU A 98 17.94 8.88 1.35
C GLU A 98 18.66 10.19 1.00
N GLY A 99 18.26 11.27 1.66
CA GLY A 99 18.89 12.58 1.41
C GLY A 99 18.28 13.37 0.26
N ASP A 100 17.34 12.79 -0.50
CA ASP A 100 16.55 13.57 -1.44
C ASP A 100 15.62 14.49 -0.69
N TYR A 101 15.17 15.53 -1.37
CA TYR A 101 14.13 16.43 -0.93
C TYR A 101 12.88 16.14 -1.74
N VAL A 102 11.78 15.83 -1.08
CA VAL A 102 10.55 15.48 -1.74
C VAL A 102 9.65 16.67 -1.74
N GLU A 103 9.31 17.18 -2.93
CA GLU A 103 8.48 18.35 -3.08
C GLU A 103 7.16 17.95 -3.70
N THR A 104 6.10 18.02 -2.90
CA THR A 104 4.79 17.59 -3.30
C THR A 104 3.88 18.80 -3.47
N THR A 105 3.20 18.85 -4.62
CA THR A 105 2.11 19.74 -4.86
C THR A 105 0.85 18.95 -4.56
N LEU A 106 0.13 19.38 -3.51
CA LEU A 106 -1.16 18.78 -3.19
C LEU A 106 -2.26 19.69 -3.69
N VAL A 107 -3.19 19.12 -4.45
CA VAL A 107 -4.24 19.84 -5.13
C VAL A 107 -5.58 19.36 -4.63
N ASN A 108 -6.45 20.28 -4.18
CA ASN A 108 -7.79 19.96 -3.75
C ASN A 108 -8.76 20.67 -4.67
N PRO A 109 -9.18 20.08 -5.79
CA PRO A 109 -10.07 20.78 -6.73
C PRO A 109 -11.39 21.20 -6.12
N ALA A 110 -11.98 22.24 -6.72
CA ALA A 110 -13.27 22.77 -6.26
C ALA A 110 -14.45 21.82 -6.39
N THR A 111 -14.25 20.74 -7.13
CA THR A 111 -15.24 19.70 -7.22
C THR A 111 -15.35 18.85 -5.94
N ASN A 112 -14.36 18.92 -5.05
CA ASN A 112 -14.49 18.27 -3.74
C ASN A 112 -15.28 19.15 -2.76
N THR A 113 -15.66 18.56 -1.63
CA THR A 113 -16.53 19.17 -0.63
C THR A 113 -15.80 19.50 0.67
N MET A 114 -14.66 18.87 0.94
CA MET A 114 -14.07 18.97 2.26
CA MET A 114 -14.05 18.89 2.26
C MET A 114 -12.65 19.49 2.15
N PRO A 115 -12.14 20.11 3.24
CA PRO A 115 -10.71 20.38 3.32
CA PRO A 115 -10.72 20.38 3.37
C PRO A 115 -9.96 19.07 3.52
N HIS A 116 -8.70 19.09 3.08
CA HIS A 116 -7.80 17.94 3.16
C HIS A 116 -6.40 18.43 3.40
N ASN A 117 -5.50 17.52 3.78
CA ASN A 117 -4.09 17.82 3.91
C ASN A 117 -3.28 16.55 3.71
N ILE A 118 -1.98 16.60 3.98
CA ILE A 118 -1.18 15.39 3.90
C ILE A 118 -0.12 15.40 4.98
N ASP A 119 0.08 14.21 5.57
CA ASP A 119 1.00 13.91 6.66
C ASP A 119 1.85 12.75 6.12
N PHE A 120 3.15 12.94 6.05
CA PHE A 120 4.09 11.89 5.70
C PHE A 120 4.84 11.35 6.92
N HIS A 121 4.70 10.05 7.25
CA HIS A 121 5.43 9.45 8.36
C HIS A 121 6.94 9.49 8.16
N SER A 122 7.37 9.69 6.93
CA SER A 122 8.80 9.75 6.56
C SER A 122 9.41 11.11 6.90
N ALA A 123 8.58 12.11 7.17
CA ALA A 123 9.03 13.50 7.28
C ALA A 123 9.16 13.93 8.74
N THR A 124 9.88 15.02 8.99
CA THR A 124 10.12 15.48 10.34
C THR A 124 9.60 16.90 10.53
N GLY A 125 8.68 17.05 11.47
CA GLY A 125 8.09 18.32 11.86
C GLY A 125 6.65 18.50 11.40
N ALA A 126 5.95 19.46 12.01
CA ALA A 126 4.65 19.97 11.58
C ALA A 126 3.65 18.83 11.37
N LEU A 127 3.63 17.89 12.32
CA LEU A 127 2.72 16.76 12.23
C LEU A 127 2.89 16.01 10.91
N GLY A 128 4.15 15.90 10.47
CA GLY A 128 4.46 15.17 9.26
C GLY A 128 4.14 15.96 7.99
N GLY A 129 3.86 17.24 8.14
CA GLY A 129 3.45 18.09 7.04
C GLY A 129 2.00 18.52 7.14
N GLY A 130 1.19 17.84 7.97
CA GLY A 130 -0.23 18.12 7.99
C GLY A 130 -0.50 19.55 8.41
N ALA A 131 0.30 20.09 9.34
CA ALA A 131 0.09 21.45 9.84
C ALA A 131 0.45 22.53 8.82
N LEU A 132 0.98 22.14 7.67
CA LEU A 132 1.42 23.07 6.63
C LEU A 132 0.69 22.85 5.31
N THR A 133 -0.22 21.89 5.25
CA THR A 133 -0.85 21.55 3.97
C THR A 133 -2.37 21.53 4.01
N LEU A 134 -3.03 22.15 4.98
CA LEU A 134 -4.47 22.15 4.98
C LEU A 134 -5.02 23.06 3.89
N ILE A 135 -5.78 22.49 2.96
CA ILE A 135 -6.27 23.17 1.79
C ILE A 135 -7.75 22.94 1.62
N ASN A 136 -8.49 24.05 1.38
CA ASN A 136 -9.90 23.98 1.03
C ASN A 136 -10.10 23.61 -0.43
N PRO A 137 -11.32 23.18 -0.80
CA PRO A 137 -11.64 22.95 -2.22
C PRO A 137 -11.33 24.23 -3.00
N GLY A 138 -10.59 24.06 -4.09
CA GLY A 138 -10.17 25.18 -4.91
C GLY A 138 -8.74 25.62 -4.69
N GLU A 139 -8.01 25.00 -3.74
CA GLU A 139 -6.67 25.41 -3.37
C GLU A 139 -5.66 24.30 -3.58
N GLN A 140 -4.41 24.70 -3.67
CA GLN A 140 -3.28 23.81 -3.68
C GLN A 140 -2.18 24.37 -2.80
N VAL A 141 -1.22 23.52 -2.42
CA VAL A 141 -0.13 23.85 -1.53
C VAL A 141 1.10 23.05 -1.95
N VAL A 142 2.28 23.56 -1.68
CA VAL A 142 3.52 22.88 -2.00
C VAL A 142 4.37 22.73 -0.74
N LEU A 143 4.68 21.48 -0.39
CA LEU A 143 5.45 21.09 0.78
C LEU A 143 6.73 20.42 0.35
N ARG A 144 7.86 20.76 1.00
CA ARG A 144 9.07 20.02 0.79
CA ARG A 144 9.08 20.03 0.79
C ARG A 144 9.57 19.44 2.10
N TRP A 145 10.02 18.18 2.06
CA TRP A 145 10.64 17.56 3.21
C TRP A 145 11.85 16.76 2.79
N LYS A 146 12.83 16.71 3.67
CA LYS A 146 14.03 15.97 3.43
C LYS A 146 13.87 14.52 3.89
N ALA A 147 14.28 13.57 3.04
CA ALA A 147 14.13 12.15 3.31
C ALA A 147 15.32 11.64 4.10
N THR A 148 15.30 11.88 5.42
CA THR A 148 16.39 11.52 6.32
C THR A 148 16.28 10.11 6.88
N LYS A 149 15.15 9.43 6.70
CA LYS A 149 14.92 8.11 7.29
CA LYS A 149 14.94 8.10 7.30
C LYS A 149 14.60 7.12 6.18
N THR A 150 15.31 5.98 6.11
CA THR A 150 15.09 5.00 5.07
C THR A 150 13.96 4.04 5.46
N GLY A 151 13.32 3.46 4.47
CA GLY A 151 12.27 2.47 4.69
C GLY A 151 11.06 2.79 3.85
N VAL A 152 9.97 2.07 4.14
CA VAL A 152 8.67 2.35 3.59
C VAL A 152 7.86 2.99 4.70
N PHE A 153 7.06 3.99 4.34
CA PHE A 153 6.34 4.80 5.32
C PHE A 153 4.94 5.08 4.82
N VAL A 154 3.95 5.18 5.74
CA VAL A 154 2.66 5.65 5.34
C VAL A 154 2.63 7.16 5.12
N TYR A 155 1.77 7.58 4.20
CA TYR A 155 1.29 8.96 4.16
C TYR A 155 -0.23 8.92 4.23
N HIS A 156 -0.84 9.97 4.81
CA HIS A 156 -2.29 9.97 4.93
C HIS A 156 -2.80 11.40 5.17
N CYS A 157 -4.08 11.61 4.91
CA CYS A 157 -4.69 12.87 5.27
C CYS A 157 -4.98 12.88 6.76
N ALA A 158 -4.97 14.07 7.34
CA ALA A 158 -5.22 14.20 8.78
C ALA A 158 -5.71 15.60 9.13
N PRO A 159 -6.94 15.95 8.80
CA PRO A 159 -7.37 17.36 8.85
C PRO A 159 -7.55 17.91 10.25
N GLY A 160 -7.74 17.06 11.24
CA GLY A 160 -7.89 17.48 12.62
C GLY A 160 -9.06 16.75 13.32
N GLY A 161 -8.81 16.33 14.55
CA GLY A 161 -9.93 15.85 15.35
C GLY A 161 -10.48 14.53 14.80
N PRO A 162 -11.78 14.31 15.00
CA PRO A 162 -12.50 13.15 14.45
C PRO A 162 -12.43 12.98 12.95
N MET A 163 -12.07 14.07 12.25
CA MET A 163 -11.92 13.95 10.81
C MET A 163 -10.74 13.05 10.48
N ILE A 164 -9.74 12.94 11.39
CA ILE A 164 -8.52 12.23 11.03
C ILE A 164 -8.85 10.78 10.70
N PRO A 165 -9.46 9.98 11.59
CA PRO A 165 -9.75 8.59 11.25
C PRO A 165 -10.67 8.50 10.06
N TRP A 166 -11.71 9.36 10.00
CA TRP A 166 -12.67 9.28 8.94
C TRP A 166 -12.03 9.43 7.56
N HIS A 167 -11.16 10.43 7.38
CA HIS A 167 -10.53 10.59 6.08
C HIS A 167 -9.63 9.40 5.75
N VAL A 168 -8.93 8.88 6.76
CA VAL A 168 -8.03 7.75 6.50
C VAL A 168 -8.79 6.51 6.09
N VAL A 169 -9.87 6.17 6.85
CA VAL A 169 -10.57 4.93 6.57
C VAL A 169 -11.50 5.09 5.34
N SER A 170 -11.63 6.33 4.83
CA SER A 170 -12.35 6.61 3.60
C SER A 170 -11.43 6.38 2.39
N GLY A 171 -10.14 6.16 2.61
CA GLY A 171 -9.22 5.84 1.53
C GLY A 171 -8.03 6.77 1.41
N MET A 172 -7.90 7.80 2.25
CA MET A 172 -6.90 8.82 2.02
C MET A 172 -5.59 8.43 2.68
N ASN A 173 -4.92 7.44 2.09
CA ASN A 173 -3.63 6.98 2.58
C ASN A 173 -2.91 6.29 1.43
N GLY A 174 -1.60 6.31 1.49
CA GLY A 174 -0.69 5.63 0.56
C GLY A 174 0.63 5.41 1.28
N ALA A 175 1.73 5.35 0.51
CA ALA A 175 3.03 5.10 1.11
C ALA A 175 4.16 5.71 0.27
N VAL A 176 5.29 5.93 0.92
CA VAL A 176 6.50 6.36 0.25
CA VAL A 176 6.55 6.42 0.35
C VAL A 176 7.62 5.39 0.64
N MET A 177 8.55 5.17 -0.31
CA MET A 177 9.68 4.30 -0.07
C MET A 177 10.95 5.14 -0.24
N VAL A 178 11.75 5.15 0.80
CA VAL A 178 13.01 5.89 0.85
C VAL A 178 14.11 4.84 0.86
N LEU A 179 14.80 4.70 -0.31
CA LEU A 179 15.85 3.71 -0.46
C LEU A 179 17.23 4.23 -0.02
N PRO A 180 18.09 3.37 0.53
CA PRO A 180 19.51 3.70 0.68
C PRO A 180 20.04 3.96 -0.72
N ARG A 181 21.05 4.85 -0.85
CA ARG A 181 21.67 5.07 -2.15
C ARG A 181 22.43 3.86 -2.68
N ASP A 182 22.88 2.95 -1.83
CA ASP A 182 23.51 1.72 -2.26
C ASP A 182 22.52 0.58 -2.47
N GLY A 183 21.24 0.86 -2.41
CA GLY A 183 20.23 -0.16 -2.54
C GLY A 183 20.07 -0.97 -1.25
N LEU A 184 19.26 -2.02 -1.34
CA LEU A 184 18.96 -2.81 -0.13
C LEU A 184 20.09 -3.82 0.17
N ASN A 185 20.26 -4.20 1.45
CA ASN A 185 21.19 -5.24 1.85
C ASN A 185 20.59 -6.14 2.91
N ASP A 186 21.19 -7.30 3.12
CA ASP A 186 20.69 -8.33 4.02
C ASP A 186 21.19 -8.21 5.45
N GLY A 187 21.96 -7.17 5.74
CA GLY A 187 22.53 -6.99 7.06
C GLY A 187 23.79 -7.84 7.32
N LYS A 188 24.37 -8.40 6.26
N LYS A 188 24.04 -8.83 6.47
CA LYS A 188 25.65 -9.11 6.33
CA LYS A 188 25.01 -9.89 6.71
C LYS A 188 26.53 -8.72 5.14
C LYS A 188 26.04 -9.88 5.58
N GLY A 189 26.26 -7.56 4.54
N GLY A 189 26.08 -8.77 4.82
CA GLY A 189 27.14 -6.97 3.56
CA GLY A 189 27.11 -8.54 3.82
C GLY A 189 26.79 -7.40 2.15
C GLY A 189 26.76 -8.98 2.39
N HIS A 190 25.67 -8.11 2.01
N HIS A 190 25.47 -9.07 2.00
CA HIS A 190 25.26 -8.61 0.72
CA HIS A 190 25.05 -9.30 0.61
C HIS A 190 24.09 -7.80 0.25
C HIS A 190 23.99 -8.26 0.17
N ALA A 191 24.13 -7.61 -1.03
CA ALA A 191 23.13 -6.81 -1.70
C ALA A 191 21.89 -7.66 -1.91
N LEU A 192 20.73 -6.97 -1.93
N LEU A 192 20.74 -7.07 -1.65
CA LEU A 192 19.41 -7.56 -2.13
CA LEU A 192 19.52 -7.64 -2.18
C LEU A 192 18.62 -6.80 -3.19
C LEU A 192 19.10 -6.69 -3.28
N LYS A 193 18.68 -7.27 -4.41
CA LYS A 193 18.15 -6.52 -5.52
C LYS A 193 16.86 -7.21 -5.98
N TYR A 194 15.77 -6.44 -6.08
CA TYR A 194 14.54 -6.98 -6.58
C TYR A 194 14.37 -6.77 -8.06
N ASP A 195 13.71 -7.72 -8.66
CA ASP A 195 13.40 -7.67 -10.08
C ASP A 195 12.16 -6.84 -10.38
N LYS A 196 11.24 -6.82 -9.40
CA LYS A 196 10.06 -6.00 -9.49
C LYS A 196 9.51 -5.77 -8.08
N VAL A 197 8.73 -4.71 -7.98
CA VAL A 197 8.14 -4.28 -6.72
C VAL A 197 6.67 -4.06 -6.99
N TYR A 198 5.84 -4.54 -6.04
CA TYR A 198 4.42 -4.25 -6.02
C TYR A 198 4.06 -3.57 -4.70
N TYR A 199 3.08 -2.68 -4.72
CA TYR A 199 2.53 -2.03 -3.54
C TYR A 199 1.11 -2.47 -3.30
N VAL A 200 0.91 -3.19 -2.20
CA VAL A 200 -0.39 -3.67 -1.75
C VAL A 200 -0.84 -2.80 -0.56
N GLY A 201 -1.82 -1.93 -0.81
CA GLY A 201 -2.39 -1.12 0.24
C GLY A 201 -3.66 -1.77 0.72
N GLU A 202 -3.71 -2.06 2.03
CA GLU A 202 -4.88 -2.67 2.64
C GLU A 202 -5.73 -1.60 3.30
N GLN A 203 -7.04 -1.69 3.08
CA GLN A 203 -7.97 -0.68 3.60
C GLN A 203 -9.07 -1.39 4.40
N ASP A 204 -9.23 -0.97 5.63
CA ASP A 204 -10.37 -1.34 6.47
C ASP A 204 -11.46 -0.33 6.19
N MET A 205 -12.66 -0.84 5.87
CA MET A 205 -13.78 0.02 5.49
C MET A 205 -14.95 -0.28 6.42
N TYR A 206 -15.74 0.78 6.68
CA TYR A 206 -16.84 0.72 7.65
C TYR A 206 -18.11 1.16 6.94
N VAL A 207 -18.86 0.20 6.42
CA VAL A 207 -20.10 0.49 5.70
C VAL A 207 -21.25 0.06 6.58
N PRO A 208 -22.09 1.02 7.02
CA PRO A 208 -23.22 0.67 7.87
C PRO A 208 -24.31 -0.08 7.12
N ARG A 209 -25.14 -0.81 7.88
CA ARG A 209 -26.25 -1.63 7.40
C ARG A 209 -27.56 -1.01 7.86
N ASP A 210 -28.63 -1.22 7.08
CA ASP A 210 -29.93 -0.67 7.47
C ASP A 210 -30.58 -1.73 8.34
N GLU A 211 -31.86 -1.54 8.70
CA GLU A 211 -32.59 -2.52 9.51
C GLU A 211 -32.70 -3.90 8.83
N LYS A 212 -32.98 -3.92 7.51
CA LYS A 212 -33.02 -5.16 6.74
C LYS A 212 -31.75 -6.01 6.92
N GLY A 213 -30.60 -5.34 7.08
CA GLY A 213 -29.31 -6.01 7.10
C GLY A 213 -28.52 -5.74 5.82
N ASN A 214 -29.03 -4.86 4.94
CA ASN A 214 -28.35 -4.49 3.71
C ASN A 214 -27.41 -3.30 3.94
N PHE A 215 -26.30 -3.29 3.19
CA PHE A 215 -25.41 -2.15 3.26
C PHE A 215 -26.08 -0.90 2.73
N LYS A 216 -25.84 0.22 3.42
CA LYS A 216 -26.41 1.52 3.10
C LYS A 216 -25.60 2.23 2.01
N SER A 217 -26.29 3.05 1.19
CA SER A 217 -25.69 3.88 0.17
CA SER A 217 -25.68 3.89 0.18
CA SER A 217 -25.63 3.89 0.21
C SER A 217 -25.93 5.34 0.57
N TYR A 218 -25.00 6.22 0.25
CA TYR A 218 -25.11 7.62 0.64
C TYR A 218 -24.83 8.54 -0.53
N ASP A 219 -25.37 9.76 -0.50
CA ASP A 219 -25.26 10.65 -1.66
C ASP A 219 -24.01 11.51 -1.59
N SER A 220 -23.33 11.52 -0.46
CA SER A 220 -22.16 12.38 -0.28
C SER A 220 -21.35 11.82 0.87
N PRO A 221 -20.06 12.16 0.96
CA PRO A 221 -19.28 11.78 2.14
C PRO A 221 -19.88 12.39 3.41
N GLY A 222 -20.31 13.65 3.34
CA GLY A 222 -20.91 14.29 4.51
C GLY A 222 -22.12 13.52 5.02
N GLU A 223 -22.98 13.04 4.13
CA GLU A 223 -24.15 12.31 4.54
C GLU A 223 -23.81 10.93 5.13
N ALA A 224 -22.66 10.36 4.75
CA ALA A 224 -22.26 9.05 5.23
C ALA A 224 -21.61 9.14 6.62
N PHE A 225 -21.23 10.37 7.01
CA PHE A 225 -20.39 10.60 8.17
C PHE A 225 -21.04 10.09 9.44
N THR A 226 -22.27 10.53 9.80
CA THR A 226 -22.81 10.15 11.12
C THR A 226 -22.85 8.63 11.33
N ASP A 227 -23.46 7.89 10.36
CA ASP A 227 -23.60 6.45 10.48
C ASP A 227 -22.22 5.76 10.44
N THR A 228 -21.34 6.32 9.67
CA THR A 228 -20.03 5.68 9.47
C THR A 228 -19.24 5.85 10.78
N GLU A 229 -19.24 7.05 11.38
CA GLU A 229 -18.53 7.25 12.64
C GLU A 229 -19.04 6.33 13.76
N GLU A 230 -20.38 6.16 13.92
CA GLU A 230 -20.94 5.27 14.88
C GLU A 230 -20.40 3.83 14.72
N MET A 231 -20.27 3.40 13.46
CA MET A 231 -19.74 2.07 13.20
C MET A 231 -18.25 2.00 13.49
N MET A 232 -17.51 3.04 13.06
CA MET A 232 -16.08 3.06 13.21
CA MET A 232 -16.07 3.09 13.22
C MET A 232 -15.72 2.88 14.69
N LYS A 233 -16.48 3.52 15.58
CA LYS A 233 -16.09 3.50 16.99
C LYS A 233 -16.25 2.12 17.61
N LYS A 234 -17.02 1.22 16.96
CA LYS A 234 -17.13 -0.16 17.36
C LYS A 234 -15.98 -1.04 16.88
N LEU A 235 -15.09 -0.52 16.02
CA LEU A 235 -13.80 -1.08 15.68
C LEU A 235 -13.83 -2.33 14.79
N ILE A 236 -14.99 -2.74 14.27
CA ILE A 236 -15.08 -3.90 13.40
C ILE A 236 -15.39 -3.49 11.97
N PRO A 237 -14.48 -3.66 11.00
CA PRO A 237 -14.76 -3.25 9.63
C PRO A 237 -15.77 -4.19 8.98
N SER A 238 -16.52 -3.64 7.98
CA SER A 238 -17.37 -4.47 7.14
C SER A 238 -16.61 -5.14 6.01
N HIS A 239 -15.52 -4.49 5.56
CA HIS A 239 -14.74 -4.96 4.45
C HIS A 239 -13.27 -4.70 4.79
N VAL A 240 -12.38 -5.57 4.31
CA VAL A 240 -10.93 -5.33 4.37
C VAL A 240 -10.43 -5.74 2.99
N VAL A 241 -9.92 -4.76 2.23
CA VAL A 241 -9.63 -4.97 0.83
C VAL A 241 -8.23 -4.50 0.49
N PHE A 242 -7.71 -5.11 -0.58
CA PHE A 242 -6.49 -4.67 -1.19
C PHE A 242 -6.78 -3.90 -2.47
N ASN A 243 -6.09 -2.77 -2.69
CA ASN A 243 -6.26 -1.99 -3.88
C ASN A 243 -7.71 -1.60 -4.07
N GLY A 244 -8.44 -1.34 -2.98
CA GLY A 244 -9.72 -0.63 -3.05
C GLY A 244 -10.97 -1.44 -3.23
N LYS A 245 -10.89 -2.73 -3.49
CA LYS A 245 -12.07 -3.50 -3.81
CA LYS A 245 -12.11 -3.49 -3.71
C LYS A 245 -11.82 -4.98 -3.63
N VAL A 246 -12.85 -5.74 -3.28
CA VAL A 246 -12.75 -7.19 -3.26
C VAL A 246 -12.34 -7.66 -4.64
N GLY A 247 -11.31 -8.53 -4.70
CA GLY A 247 -10.93 -9.12 -5.96
C GLY A 247 -10.11 -8.20 -6.88
N ALA A 248 -9.69 -7.05 -6.36
CA ALA A 248 -8.98 -6.11 -7.20
C ALA A 248 -7.72 -6.72 -7.82
N LEU A 249 -6.95 -7.47 -7.02
N LEU A 249 -7.09 -7.62 -7.06
CA LEU A 249 -5.68 -8.01 -7.47
CA LEU A 249 -5.85 -8.25 -7.47
C LEU A 249 -5.86 -9.50 -7.81
C LEU A 249 -6.04 -9.76 -7.61
N THR A 250 -6.84 -9.83 -8.66
N THR A 250 -7.25 -10.24 -7.95
CA THR A 250 -7.18 -11.18 -9.11
CA THR A 250 -7.42 -11.66 -8.19
C THR A 250 -7.59 -11.12 -10.58
C THR A 250 -7.80 -11.97 -9.64
N GLY A 251 -7.63 -12.32 -11.22
N GLY A 251 -7.92 -10.97 -10.54
CA GLY A 251 -8.01 -12.51 -12.61
CA GLY A 251 -8.55 -11.19 -11.84
C GLY A 251 -7.00 -11.83 -13.54
C GLY A 251 -7.59 -11.34 -13.03
N LYS A 252 -7.52 -11.02 -14.46
N LYS A 252 -7.88 -10.58 -14.12
CA LYS A 252 -6.69 -10.17 -15.31
CA LYS A 252 -6.92 -10.19 -15.14
C LYS A 252 -5.76 -9.27 -14.50
C LYS A 252 -5.78 -9.47 -14.45
N ASN A 253 -6.11 -8.96 -13.25
CA ASN A 253 -5.29 -8.05 -12.47
C ASN A 253 -4.53 -8.80 -11.36
N ALA A 254 -4.38 -10.11 -11.50
CA ALA A 254 -3.42 -10.80 -10.64
C ALA A 254 -2.03 -10.18 -10.77
N LEU A 255 -1.28 -10.23 -9.68
CA LEU A 255 0.13 -9.99 -9.68
C LEU A 255 0.84 -11.12 -10.42
N THR A 256 2.00 -10.84 -11.01
CA THR A 256 2.67 -11.85 -11.83
C THR A 256 4.14 -11.93 -11.46
N ALA A 257 4.69 -13.14 -11.69
CA ALA A 257 6.10 -13.36 -11.57
C ALA A 257 6.46 -14.61 -12.36
N ASN A 258 7.77 -14.81 -12.43
CA ASN A 258 8.32 -16.03 -13.02
C ASN A 258 9.20 -16.69 -11.97
N VAL A 259 9.28 -18.03 -12.00
CA VAL A 259 10.28 -18.74 -11.24
C VAL A 259 11.64 -18.13 -11.47
N GLY A 260 12.35 -17.85 -10.36
CA GLY A 260 13.65 -17.22 -10.36
C GLY A 260 13.65 -15.71 -10.12
N GLU A 261 12.49 -15.08 -10.16
CA GLU A 261 12.35 -13.65 -9.96
C GLU A 261 12.20 -13.31 -8.45
N ASN A 262 12.94 -12.29 -8.04
CA ASN A 262 12.89 -11.72 -6.73
CA ASN A 262 12.90 -11.70 -6.71
C ASN A 262 11.93 -10.54 -6.72
N VAL A 263 10.82 -10.69 -5.97
CA VAL A 263 9.76 -9.70 -5.94
C VAL A 263 9.71 -9.06 -4.56
N LEU A 264 9.64 -7.75 -4.54
CA LEU A 264 9.47 -6.98 -3.30
C LEU A 264 7.99 -6.62 -3.23
N ILE A 265 7.37 -6.97 -2.10
CA ILE A 265 5.97 -6.59 -1.83
C ILE A 265 5.95 -5.60 -0.65
N VAL A 266 5.55 -4.37 -0.94
CA VAL A 266 5.39 -3.34 0.06
C VAL A 266 3.92 -3.38 0.46
N HIS A 267 3.69 -3.42 1.76
CA HIS A 267 2.34 -3.58 2.29
C HIS A 267 2.09 -2.47 3.30
N SER A 268 1.02 -1.71 3.17
CA SER A 268 0.73 -0.67 4.15
C SER A 268 -0.67 -0.84 4.70
N GLN A 269 -0.83 -0.34 5.93
CA GLN A 269 -2.15 -0.29 6.59
C GLN A 269 -2.07 0.92 7.49
N ALA A 270 -2.83 1.97 7.17
CA ALA A 270 -2.79 3.25 7.89
C ALA A 270 -3.56 3.32 9.20
N ASN A 271 -4.38 2.30 9.53
CA ASN A 271 -5.24 2.38 10.69
C ASN A 271 -5.30 1.12 11.53
N ARG A 272 -5.05 -0.05 10.98
CA ARG A 272 -5.36 -1.31 11.62
C ARG A 272 -4.30 -2.34 11.27
N ASP A 273 -4.02 -3.24 12.20
CA ASP A 273 -3.00 -4.24 11.98
C ASP A 273 -3.37 -5.19 10.84
N SER A 274 -2.35 -5.75 10.20
CA SER A 274 -2.50 -6.80 9.19
C SER A 274 -1.41 -7.86 9.36
N ARG A 275 -1.64 -9.09 8.85
CA ARG A 275 -0.65 -10.15 9.01
C ARG A 275 -0.44 -10.82 7.65
N PRO A 276 0.37 -10.21 6.78
CA PRO A 276 0.56 -10.75 5.43
C PRO A 276 1.20 -12.13 5.40
N HIS A 277 0.82 -12.87 4.37
CA HIS A 277 1.25 -14.24 4.17
C HIS A 277 1.12 -14.54 2.68
N LEU A 278 2.15 -15.13 2.09
CA LEU A 278 2.14 -15.59 0.72
C LEU A 278 1.88 -17.10 0.74
N ILE A 279 0.69 -17.54 0.37
CA ILE A 279 0.30 -18.94 0.45
C ILE A 279 1.06 -19.71 -0.63
N GLY A 280 1.89 -20.64 -0.16
CA GLY A 280 2.72 -21.48 -1.00
C GLY A 280 4.15 -20.95 -1.06
N GLY A 281 4.39 -19.74 -0.52
CA GLY A 281 5.72 -19.19 -0.45
C GLY A 281 6.12 -18.80 0.96
N HIS A 282 7.02 -17.83 1.04
CA HIS A 282 7.62 -17.36 2.28
C HIS A 282 7.98 -15.88 2.13
N GLY A 283 8.38 -15.24 3.23
CA GLY A 283 9.11 -13.98 3.16
C GLY A 283 10.58 -14.33 3.32
N ASP A 284 11.32 -14.32 2.21
CA ASP A 284 12.73 -14.66 2.31
C ASP A 284 13.51 -13.62 3.11
N TYR A 285 13.19 -12.34 2.92
CA TYR A 285 13.78 -11.23 3.63
C TYR A 285 12.62 -10.30 3.94
N VAL A 286 12.42 -10.01 5.21
CA VAL A 286 11.27 -9.20 5.63
C VAL A 286 11.66 -8.12 6.62
N TRP A 287 11.24 -6.90 6.30
CA TRP A 287 11.30 -5.75 7.21
C TRP A 287 9.88 -5.45 7.70
N GLU A 288 9.41 -6.15 8.73
CA GLU A 288 7.97 -6.02 9.02
C GLU A 288 7.63 -4.66 9.61
N THR A 289 8.58 -4.02 10.33
CA THR A 289 8.44 -2.64 10.77
C THR A 289 8.84 -1.65 9.70
N GLY A 290 9.39 -2.16 8.59
CA GLY A 290 9.46 -1.43 7.36
C GLY A 290 10.67 -0.49 7.22
N LYS A 291 11.72 -0.65 8.01
CA LYS A 291 12.75 0.39 8.05
C LYS A 291 14.14 -0.19 7.79
N PHE A 292 14.78 0.33 6.71
CA PHE A 292 15.94 -0.34 6.14
C PHE A 292 17.22 -0.13 6.94
N GLY A 293 17.20 0.71 7.97
CA GLY A 293 18.31 0.78 8.92
C GLY A 293 18.45 -0.46 9.78
N ASN A 294 17.40 -1.32 9.79
CA ASN A 294 17.38 -2.58 10.48
C ASN A 294 17.53 -3.73 9.49
N ALA A 295 18.28 -4.74 9.89
CA ALA A 295 18.44 -5.90 9.03
C ALA A 295 17.09 -6.58 8.87
N PRO A 296 16.85 -7.19 7.71
CA PRO A 296 15.63 -7.98 7.55
C PRO A 296 15.69 -9.27 8.32
N GLU A 297 14.53 -9.77 8.70
CA GLU A 297 14.39 -11.13 9.21
CA GLU A 297 14.41 -11.12 9.22
C GLU A 297 14.27 -12.08 8.03
N VAL A 298 14.62 -13.36 8.25
CA VAL A 298 14.65 -14.33 7.16
C VAL A 298 13.69 -15.50 7.36
N GLY A 299 13.14 -15.96 6.23
CA GLY A 299 12.41 -17.20 6.16
C GLY A 299 11.08 -17.21 6.92
N LEU A 300 10.37 -16.08 6.86
CA LEU A 300 9.10 -16.00 7.59
C LEU A 300 7.96 -16.68 6.86
N GLU A 301 6.97 -17.16 7.64
CA GLU A 301 5.72 -17.66 7.08
C GLU A 301 4.72 -16.51 6.97
N THR A 302 4.55 -15.75 8.05
CA THR A 302 3.60 -14.66 8.16
C THR A 302 4.31 -13.52 8.89
N TRP A 303 4.07 -12.29 8.49
CA TRP A 303 4.68 -11.13 9.14
C TRP A 303 3.58 -10.19 9.56
N PHE A 304 3.92 -9.10 10.21
CA PHE A 304 2.94 -8.29 10.92
C PHE A 304 3.16 -6.83 10.55
N ILE A 305 2.14 -6.21 9.98
CA ILE A 305 2.16 -4.78 9.66
C ILE A 305 1.34 -4.07 10.72
N ARG A 306 1.97 -3.25 11.53
CA ARG A 306 1.30 -2.49 12.58
C ARG A 306 0.44 -1.43 11.92
N GLY A 307 -0.80 -1.31 12.41
CA GLY A 307 -1.64 -0.20 11.97
C GLY A 307 -0.89 1.12 12.09
N GLY A 308 -0.92 1.93 11.02
CA GLY A 308 -0.10 3.13 10.93
C GLY A 308 1.31 2.92 10.41
N SER A 309 1.54 1.89 9.62
CA SER A 309 2.88 1.62 9.13
C SER A 309 2.81 0.88 7.82
N ALA A 310 3.98 0.89 7.14
CA ALA A 310 4.26 0.05 6.00
C ALA A 310 5.43 -0.86 6.33
N GLY A 311 5.36 -2.03 5.75
CA GLY A 311 6.45 -3.00 5.80
C GLY A 311 6.71 -3.56 4.40
N ALA A 312 7.80 -4.34 4.29
CA ALA A 312 8.20 -4.88 2.99
C ALA A 312 8.77 -6.27 3.14
N ALA A 313 8.46 -7.12 2.15
CA ALA A 313 8.96 -8.48 2.15
C ALA A 313 9.42 -8.83 0.74
N MET A 314 10.55 -9.54 0.64
CA MET A 314 10.97 -10.01 -0.66
CA MET A 314 11.11 -10.01 -0.62
C MET A 314 11.00 -11.53 -0.70
N TYR A 315 10.62 -12.08 -1.87
CA TYR A 315 10.61 -13.50 -2.07
C TYR A 315 11.06 -13.82 -3.51
N LYS A 316 11.94 -14.83 -3.62
CA LYS A 316 12.31 -15.40 -4.91
CA LYS A 316 12.32 -15.39 -4.91
C LYS A 316 11.45 -16.62 -5.20
N PHE A 317 10.60 -16.54 -6.22
CA PHE A 317 9.71 -17.62 -6.58
C PHE A 317 10.49 -18.86 -7.06
N MET A 318 10.05 -19.99 -6.50
CA MET A 318 10.69 -21.30 -6.75
C MET A 318 9.79 -22.25 -7.53
N GLN A 319 8.48 -22.01 -7.53
CA GLN A 319 7.47 -22.85 -8.13
C GLN A 319 6.53 -22.01 -8.97
N PRO A 320 6.04 -22.54 -10.11
CA PRO A 320 4.99 -21.92 -10.87
C PRO A 320 3.64 -22.15 -10.23
N GLY A 321 2.62 -21.47 -10.73
CA GLY A 321 1.25 -21.71 -10.39
C GLY A 321 0.63 -20.50 -9.70
N ILE A 322 -0.55 -20.71 -9.14
CA ILE A 322 -1.26 -19.66 -8.42
CA ILE A 322 -1.28 -19.69 -8.40
C ILE A 322 -0.78 -19.64 -6.96
N TYR A 323 -0.53 -18.41 -6.50
CA TYR A 323 -0.32 -18.15 -5.08
C TYR A 323 -1.39 -17.17 -4.62
N ALA A 324 -1.83 -17.28 -3.35
CA ALA A 324 -2.67 -16.23 -2.81
C ALA A 324 -1.85 -15.44 -1.79
N TYR A 325 -1.98 -14.13 -1.80
CA TYR A 325 -1.36 -13.22 -0.86
C TYR A 325 -2.49 -12.66 0.00
N VAL A 326 -2.44 -12.91 1.29
CA VAL A 326 -3.58 -12.68 2.15
C VAL A 326 -3.11 -12.00 3.41
N THR A 327 -4.04 -11.42 4.14
CA THR A 327 -3.84 -11.25 5.58
C THR A 327 -4.25 -12.58 6.20
N HIS A 328 -3.49 -13.10 7.16
CA HIS A 328 -3.81 -14.42 7.66
C HIS A 328 -4.69 -14.39 8.90
N ASN A 329 -5.55 -13.38 9.03
CA ASN A 329 -6.88 -13.61 9.61
C ASN A 329 -7.74 -14.11 8.44
N LEU A 330 -7.98 -15.42 8.37
CA LEU A 330 -8.56 -16.01 7.19
C LEU A 330 -10.01 -15.61 7.02
N ILE A 331 -10.65 -15.16 8.10
CA ILE A 331 -12.02 -14.63 7.93
C ILE A 331 -11.94 -13.34 7.11
N GLU A 332 -11.02 -12.48 7.46
CA GLU A 332 -10.83 -11.24 6.72
C GLU A 332 -10.44 -11.56 5.28
N ALA A 333 -9.49 -12.52 5.08
CA ALA A 333 -9.01 -12.84 3.76
C ALA A 333 -10.11 -13.35 2.86
N ALA A 334 -10.88 -14.32 3.34
CA ALA A 334 -11.80 -15.05 2.45
C ALA A 334 -13.17 -14.40 2.43
N ASP A 335 -13.59 -13.80 3.56
CA ASP A 335 -14.97 -13.38 3.74
C ASP A 335 -15.11 -11.87 3.70
N LEU A 336 -14.05 -11.10 3.99
CA LEU A 336 -14.15 -9.65 4.04
C LEU A 336 -13.45 -8.95 2.89
N GLY A 337 -12.62 -9.66 2.10
CA GLY A 337 -12.06 -9.12 0.87
C GLY A 337 -10.55 -9.12 0.73
N ALA A 338 -9.80 -9.61 1.71
CA ALA A 338 -8.34 -9.35 1.75
C ALA A 338 -7.49 -10.49 1.17
N THR A 339 -7.68 -10.73 -0.14
CA THR A 339 -6.96 -11.76 -0.89
C THR A 339 -6.53 -11.15 -2.20
N ALA A 340 -5.26 -11.30 -2.56
CA ALA A 340 -4.69 -11.06 -3.89
C ALA A 340 -4.15 -12.38 -4.41
N HIS A 341 -3.98 -12.47 -5.75
CA HIS A 341 -3.33 -13.62 -6.35
C HIS A 341 -2.08 -13.21 -7.08
N PHE A 342 -1.11 -14.14 -7.10
CA PHE A 342 -0.01 -14.12 -8.04
C PHE A 342 -0.21 -15.30 -8.98
N LYS A 343 0.02 -15.05 -10.26
CA LYS A 343 0.16 -16.08 -11.29
CA LYS A 343 0.16 -16.08 -11.27
C LYS A 343 1.63 -16.12 -11.69
N VAL A 344 2.28 -17.29 -11.47
CA VAL A 344 3.70 -17.46 -11.67
C VAL A 344 3.97 -18.49 -12.78
N GLU A 345 4.82 -18.09 -13.71
CA GLU A 345 5.21 -18.96 -14.83
C GLU A 345 6.54 -19.62 -14.52
N GLY A 346 6.72 -20.84 -15.05
CA GLY A 346 7.98 -21.53 -14.94
C GLY A 346 7.78 -23.04 -14.84
N LYS A 347 8.87 -23.73 -14.49
CA LYS A 347 8.88 -25.18 -14.43
C LYS A 347 8.67 -25.66 -13.00
N TRP A 348 7.77 -26.64 -12.84
CA TRP A 348 7.54 -27.25 -11.55
C TRP A 348 8.77 -27.99 -11.07
N ASN A 349 9.08 -27.86 -9.78
CA ASN A 349 10.23 -28.46 -9.13
C ASN A 349 9.71 -29.63 -8.25
N ASP A 350 9.89 -30.86 -8.73
CA ASP A 350 9.39 -32.01 -7.98
C ASP A 350 10.24 -32.34 -6.76
N ASP A 351 11.46 -31.85 -6.67
CA ASP A 351 12.28 -32.04 -5.49
C ASP A 351 11.64 -31.29 -4.32
N LEU A 352 11.14 -30.08 -4.60
CA LEU A 352 10.59 -29.24 -3.52
C LEU A 352 9.23 -29.76 -3.07
N MET A 353 8.42 -30.28 -3.99
CA MET A 353 7.11 -30.78 -3.66
C MET A 353 6.61 -31.71 -4.75
N THR A 354 6.00 -32.81 -4.35
CA THR A 354 5.39 -33.67 -5.34
CA THR A 354 5.54 -33.87 -5.25
C THR A 354 4.22 -34.41 -4.70
N GLN A 355 3.21 -34.63 -5.55
CA GLN A 355 2.11 -35.49 -5.25
C GLN A 355 2.58 -36.93 -5.51
N VAL A 356 2.94 -37.63 -4.45
CA VAL A 356 3.45 -38.99 -4.55
C VAL A 356 2.34 -39.95 -5.00
N LYS A 357 1.11 -39.77 -4.48
CA LYS A 357 -0.02 -40.58 -4.89
C LYS A 357 -1.24 -39.68 -4.91
N ALA A 358 -1.88 -39.62 -6.07
CA ALA A 358 -3.07 -38.81 -6.27
C ALA A 358 -4.20 -39.38 -5.44
N PRO A 359 -5.25 -38.57 -5.19
CA PRO A 359 -6.43 -39.04 -4.48
C PRO A 359 -6.92 -40.37 -5.00
N ALA A 360 -7.10 -41.30 -4.07
CA ALA A 360 -7.57 -42.64 -4.36
C ALA A 360 -8.42 -43.14 -3.20
N GLU A 361 -9.21 -44.20 -3.44
CA GLU A 361 -10.03 -44.82 -2.40
C GLU A 361 -9.12 -45.37 -1.33
N ILE A 362 -9.53 -45.27 -0.06
CA ILE A 362 -8.74 -45.79 1.06
C ILE A 362 -8.64 -47.30 0.98
N PRO A 363 -7.42 -47.91 1.04
CA PRO A 363 -7.27 -49.37 0.94
C PRO A 363 -8.15 -50.07 1.96
C1 GLC B . 24.59 -2.41 6.69
C2 GLC B . 25.97 -1.93 6.23
C3 GLC B . 26.19 -0.45 6.51
C4 GLC B . 25.03 0.36 5.99
C5 GLC B . 23.78 -0.13 6.68
C6 GLC B . 22.53 0.59 6.25
O2 GLC B . 26.98 -2.72 6.87
O3 GLC B . 27.40 0.00 5.90
O4 GLC B . 25.21 1.73 6.28
O5 GLC B . 23.58 -1.48 6.29
O6 GLC B . 22.31 0.36 4.85
H2 GLC B . 26.04 -2.08 5.25
H3 GLC B . 26.25 -0.31 7.49
H4 GLC B . 24.94 0.24 5.01
H5 GLC B . 23.88 -0.07 7.66
H61 GLC B . 22.64 1.55 6.42
H62 GLC B . 21.77 0.27 6.77
HO2 GLC B . 27.73 -2.55 6.53
HO3 GLC B . 27.59 0.76 6.18
HO4 GLC B . 25.25 1.83 7.13
HO6 GLC B . 22.17 -0.47 4.73
C1 FRU B . 25.30 -4.53 9.03
C2 FRU B . 24.19 -3.50 8.95
C3 FRU B . 23.66 -2.98 10.30
C4 FRU B . 22.22 -2.58 9.94
C5 FRU B . 21.81 -3.64 8.89
C6 FRU B . 20.90 -3.14 7.77
O1 FRU B . 24.93 -5.56 9.98
O2 FRU B . 24.69 -2.37 8.28
O3 FRU B . 24.43 -1.94 10.89
O4 FRU B . 21.37 -2.54 11.08
O5 FRU B . 23.06 -4.08 8.28
O6 FRU B . 20.58 -4.16 6.81
H11 FRU B . 26.14 -4.11 9.31
H12 FRU B . 25.44 -4.94 8.14
H3 FRU B . 23.62 -3.73 10.94
H4 FRU B . 22.24 -1.70 9.51
H5 FRU B . 21.39 -4.40 9.35
H61 FRU B . 21.33 -2.39 7.31
H62 FRU B . 20.06 -2.82 8.16
HO1 FRU B . 25.56 -6.13 10.02
HO3 FRU B . 24.07 -1.71 11.63
HO4 FRU B . 20.58 -2.32 10.83
HO6 FRU B . 20.07 -3.84 6.21
CU CU C . -8.83 14.25 3.58
CU CU D . -0.16 8.80 10.83
N NO E . -1.07 10.26 12.15
O NO E . 0.16 10.22 11.86
N NO2 F . -13.63 6.80 -12.70
O1 NO2 F . -12.71 6.50 -13.51
O2 NO2 F . -13.79 7.81 -11.97
S SO4 G . 2.54 -7.38 -14.37
O1 SO4 G . 1.74 -7.31 -13.12
O2 SO4 G . 2.17 -6.35 -15.30
O3 SO4 G . 3.96 -7.20 -14.08
O4 SO4 G . 2.29 -8.64 -15.00
S SO4 H . -1.49 4.75 -14.55
O1 SO4 H . -1.54 5.48 -13.34
O2 SO4 H . -2.84 4.69 -15.09
O3 SO4 H . -1.00 3.44 -14.28
O4 SO4 H . -0.61 5.38 -15.54
S SO4 I . 4.07 31.99 -0.53
O1 SO4 I . 3.67 33.14 0.25
O2 SO4 I . 3.07 31.68 -1.50
O3 SO4 I . 4.26 30.86 0.36
O4 SO4 I . 5.30 32.27 -1.22
S SO4 J . 13.19 27.27 -2.45
O1 SO4 J . 12.83 27.34 -1.05
O2 SO4 J . 12.22 26.47 -3.14
O3 SO4 J . 14.50 26.68 -2.58
O4 SO4 J . 13.20 28.60 -2.99
S SO4 K . 6.09 -27.95 -15.57
O1 SO4 K . 5.56 -29.28 -15.45
O2 SO4 K . 5.29 -27.01 -14.84
O3 SO4 K . 6.14 -27.58 -16.96
O4 SO4 K . 7.43 -27.90 -15.05
#